data_1J6W
#
_entry.id   1J6W
#
_cell.length_a   129.669
_cell.length_b   129.669
_cell.length_c   53.770
_cell.angle_alpha   90.00
_cell.angle_beta   90.00
_cell.angle_gamma   90.00
#
_symmetry.space_group_name_H-M   'P 42 21 2'
#
loop_
_entity.id
_entity.type
_entity.pdbx_description
1 polymer 'AUTOINDUCER-2 PRODUCTION PROTEIN LUXS'
2 non-polymer 'ZINC ION'
3 non-polymer METHIONINE
4 water water
#
_entity_poly.entity_id   1
_entity_poly.type   'polypeptide(L)'
_entity_poly.pdbx_seq_one_letter_code
;(MSE)PLLDSFKVDHTK(MSE)NAPAVRIAKT(MSE)LTPKGDNITVFDLRFCIPNKEILSPKGIHTLEHLFAGF(MSE)
RDHLNGDSIEIIDISP(MSE)GCRTGFY(MSE)SLIGTPNEQKVSEAWLAS(MSE)QDVLGVQDQASIPELNIYQCGSYT
EHSLEDAHEIAKNVIARGIGVNKNEDLSLDNSLLKGSHHHHHH
;
_entity_poly.pdbx_strand_id   A,B
#
# COMPACT_ATOMS: atom_id res chain seq x y z
N LEU A 3 18.41 2.64 2.74
CA LEU A 3 17.79 3.93 3.16
C LEU A 3 16.43 3.66 3.79
N LEU A 4 15.52 3.06 3.02
CA LEU A 4 14.17 2.77 3.53
C LEU A 4 14.18 1.86 4.76
N ASP A 5 13.29 2.16 5.71
CA ASP A 5 13.17 1.41 6.94
C ASP A 5 13.04 -0.10 6.73
N SER A 6 12.23 -0.49 5.75
CA SER A 6 12.00 -1.90 5.45
C SER A 6 13.30 -2.67 5.21
N PHE A 7 14.30 -1.96 4.70
CA PHE A 7 15.60 -2.56 4.37
C PHE A 7 16.52 -2.76 5.57
N LYS A 8 16.14 -2.23 6.72
CA LYS A 8 16.99 -2.33 7.92
C LYS A 8 16.57 -3.45 8.87
N VAL A 9 15.64 -4.29 8.43
CA VAL A 9 15.16 -5.38 9.26
C VAL A 9 15.39 -6.71 8.52
N ASP A 10 15.85 -7.72 9.27
CA ASP A 10 16.14 -9.03 8.70
C ASP A 10 14.91 -9.89 8.49
N HIS A 11 14.52 -10.02 7.24
CA HIS A 11 13.34 -10.81 6.89
C HIS A 11 13.47 -12.31 7.20
N THR A 12 14.70 -12.82 7.30
CA THR A 12 14.87 -14.25 7.58
C THR A 12 14.53 -14.57 9.03
N LYS A 13 14.43 -13.54 9.86
CA LYS A 13 14.12 -13.71 11.27
C LYS A 13 12.65 -13.42 11.62
N ASN A 15 8.59 -13.90 11.92
CA ASN A 15 7.59 -14.95 12.07
C ASN A 15 6.37 -14.46 11.28
N ALA A 16 5.50 -15.37 10.91
CA ALA A 16 4.29 -15.03 10.16
C ALA A 16 3.29 -16.15 10.37
N PRO A 17 1.99 -15.82 10.48
CA PRO A 17 1.40 -14.47 10.43
C PRO A 17 1.79 -13.71 11.70
N ALA A 18 2.07 -12.42 11.58
CA ALA A 18 2.46 -11.61 12.73
C ALA A 18 2.36 -10.10 12.48
N VAL A 19 2.24 -9.35 13.57
CA VAL A 19 2.16 -7.89 13.53
C VAL A 19 3.48 -7.32 13.99
N ARG A 20 3.92 -6.25 13.32
CA ARG A 20 5.17 -5.58 13.68
C ARG A 20 4.92 -4.09 13.59
N ILE A 21 5.42 -3.33 14.55
CA ILE A 21 5.27 -1.90 14.48
C ILE A 21 6.46 -1.48 13.63
N ALA A 22 6.19 -1.05 12.41
CA ALA A 22 7.25 -0.66 11.50
C ALA A 22 7.84 0.69 11.88
N LYS A 23 6.98 1.62 12.28
CA LYS A 23 7.47 2.93 12.69
C LYS A 23 6.39 3.76 13.36
N THR A 24 6.83 4.71 14.18
CA THR A 24 5.93 5.61 14.89
C THR A 24 6.46 6.98 14.57
N LEU A 26 5.77 11.46 14.98
CA LEU A 26 5.11 12.55 15.70
C LEU A 26 4.82 13.65 14.68
N THR A 27 3.59 14.17 14.67
CA THR A 27 3.30 15.27 13.76
C THR A 27 3.92 16.52 14.43
N PRO A 28 3.96 17.66 13.72
CA PRO A 28 4.54 18.87 14.32
C PRO A 28 3.98 19.22 15.70
N LYS A 29 2.66 19.15 15.86
CA LYS A 29 2.04 19.48 17.15
C LYS A 29 2.26 18.40 18.20
N GLY A 30 2.72 17.23 17.77
CA GLY A 30 2.95 16.15 18.71
C GLY A 30 1.92 15.02 18.74
N ASP A 31 1.16 14.85 17.66
CA ASP A 31 0.18 13.77 17.62
C ASP A 31 0.90 12.53 17.09
N ASN A 32 0.40 11.36 17.43
CA ASN A 32 1.02 10.09 17.05
C ASN A 32 0.51 9.42 15.80
N ILE A 33 1.45 8.92 15.00
CA ILE A 33 1.12 8.18 13.78
C ILE A 33 1.92 6.87 13.86
N THR A 34 1.25 5.76 13.61
CA THR A 34 1.90 4.45 13.65
C THR A 34 1.66 3.69 12.35
N VAL A 35 2.72 3.09 11.82
CA VAL A 35 2.60 2.29 10.61
C VAL A 35 2.87 0.84 11.01
N PHE A 36 1.92 -0.05 10.70
CA PHE A 36 2.03 -1.47 11.04
C PHE A 36 2.29 -2.33 9.80
N ASP A 37 3.13 -3.35 10.00
CA ASP A 37 3.49 -4.31 8.97
C ASP A 37 2.69 -5.54 9.38
N LEU A 38 1.67 -5.85 8.61
CA LEU A 38 0.80 -6.99 8.87
C LEU A 38 1.36 -8.05 7.94
N ARG A 39 2.23 -8.90 8.47
CA ARG A 39 2.90 -9.93 7.69
C ARG A 39 2.10 -11.22 7.65
N PHE A 40 1.52 -11.53 6.49
CA PHE A 40 0.72 -12.75 6.32
C PHE A 40 1.59 -13.98 6.03
N CYS A 41 2.66 -13.78 5.26
CA CYS A 41 3.52 -14.88 4.82
C CYS A 41 4.95 -14.86 5.30
N ILE A 42 5.52 -16.06 5.47
CA ILE A 42 6.91 -16.17 5.85
C ILE A 42 7.66 -15.62 4.62
N PRO A 43 8.50 -14.61 4.80
CA PRO A 43 9.25 -14.01 3.69
C PRO A 43 10.05 -15.01 2.85
N ASN A 44 9.82 -14.98 1.54
CA ASN A 44 10.53 -15.84 0.59
C ASN A 44 10.27 -17.33 0.74
N LYS A 45 9.15 -17.69 1.35
CA LYS A 45 8.79 -19.09 1.51
C LYS A 45 7.35 -19.22 1.08
N GLU A 46 6.60 -18.16 1.31
CA GLU A 46 5.18 -18.11 0.99
C GLU A 46 4.92 -16.76 0.34
N ILE A 47 3.87 -16.68 -0.47
CA ILE A 47 3.52 -15.44 -1.13
C ILE A 47 2.04 -15.51 -1.49
N LEU A 48 1.35 -14.37 -1.46
CA LEU A 48 -0.08 -14.32 -1.77
C LEU A 48 -0.28 -14.10 -3.27
N SER A 49 -1.34 -14.65 -3.83
CA SER A 49 -1.59 -14.48 -5.25
C SER A 49 -2.01 -13.05 -5.56
N PRO A 50 -1.74 -12.58 -6.79
CA PRO A 50 -2.10 -11.22 -7.19
C PRO A 50 -3.59 -10.94 -7.11
N LYS A 51 -4.42 -11.89 -7.51
CA LYS A 51 -5.87 -11.70 -7.46
C LYS A 51 -6.36 -11.84 -6.03
N GLY A 52 -5.80 -12.80 -5.31
CA GLY A 52 -6.20 -13.01 -3.93
C GLY A 52 -5.89 -11.81 -3.05
N ILE A 53 -4.71 -11.22 -3.21
CA ILE A 53 -4.35 -10.07 -2.38
C ILE A 53 -5.23 -8.88 -2.76
N HIS A 54 -5.69 -8.82 -4.00
CA HIS A 54 -6.58 -7.73 -4.41
C HIS A 54 -7.95 -7.88 -3.71
N THR A 55 -8.53 -9.08 -3.74
CA THR A 55 -9.84 -9.28 -3.12
C THR A 55 -9.74 -9.08 -1.60
N LEU A 56 -8.67 -9.62 -1.02
CA LEU A 56 -8.41 -9.50 0.39
C LEU A 56 -8.28 -8.02 0.80
N GLU A 57 -7.63 -7.24 -0.07
CA GLU A 57 -7.43 -5.80 0.15
C GLU A 57 -8.78 -5.13 0.37
N HIS A 58 -9.70 -5.34 -0.57
CA HIS A 58 -11.03 -4.75 -0.47
C HIS A 58 -11.71 -5.08 0.85
N LEU A 59 -11.78 -6.37 1.15
CA LEU A 59 -12.43 -6.83 2.36
C LEU A 59 -11.72 -6.36 3.64
N PHE A 60 -10.43 -6.65 3.71
CA PHE A 60 -9.57 -6.32 4.85
C PHE A 60 -9.59 -4.84 5.23
N ALA A 61 -9.50 -3.98 4.22
CA ALA A 61 -9.50 -2.53 4.44
C ALA A 61 -10.80 -2.09 5.10
N GLY A 62 -11.88 -2.77 4.74
CA GLY A 62 -13.17 -2.43 5.32
C GLY A 62 -13.33 -3.05 6.70
N PHE A 63 -13.00 -4.32 6.84
CA PHE A 63 -13.15 -4.97 8.13
C PHE A 63 -12.22 -4.43 9.21
N ARG A 65 -11.11 -1.43 9.59
CA ARG A 65 -11.65 -0.15 10.04
C ARG A 65 -12.85 -0.38 10.97
N ASP A 66 -13.64 -1.41 10.71
CA ASP A 66 -14.80 -1.71 11.54
C ASP A 66 -14.37 -2.10 12.95
N HIS A 67 -13.28 -2.86 13.03
CA HIS A 67 -12.76 -3.34 14.30
C HIS A 67 -11.79 -2.43 15.05
N LEU A 68 -11.12 -1.52 14.32
CA LEU A 68 -10.12 -0.63 14.94
C LEU A 68 -10.49 0.83 15.09
N ASN A 69 -11.21 1.40 14.13
CA ASN A 69 -11.58 2.81 14.21
C ASN A 69 -12.45 3.14 15.41
N GLY A 70 -12.01 4.14 16.17
CA GLY A 70 -12.75 4.56 17.36
C GLY A 70 -12.32 5.94 17.81
N ASP A 71 -12.63 6.26 19.07
CA ASP A 71 -12.31 7.55 19.66
C ASP A 71 -10.85 7.99 19.59
N SER A 72 -9.93 7.04 19.71
CA SER A 72 -8.52 7.41 19.67
C SER A 72 -7.73 6.71 18.56
N ILE A 73 -8.41 6.14 17.58
CA ILE A 73 -7.72 5.49 16.47
C ILE A 73 -8.43 5.79 15.17
N GLU A 74 -7.67 6.30 14.20
CA GLU A 74 -8.28 6.57 12.89
C GLU A 74 -7.32 6.07 11.81
N ILE A 75 -7.73 5.02 11.10
CA ILE A 75 -6.92 4.42 10.05
C ILE A 75 -6.76 5.34 8.86
N ILE A 76 -5.51 5.58 8.48
CA ILE A 76 -5.20 6.44 7.35
C ILE A 76 -5.28 5.64 6.05
N ASP A 77 -4.55 4.52 5.98
CA ASP A 77 -4.52 3.69 4.78
C ASP A 77 -4.10 2.25 5.07
N ILE A 78 -4.62 1.31 4.29
CA ILE A 78 -4.27 -0.10 4.41
C ILE A 78 -4.03 -0.53 2.98
N SER A 79 -2.79 -0.88 2.67
CA SER A 79 -2.44 -1.29 1.31
C SER A 79 -1.54 -2.51 1.32
N PRO A 80 -1.60 -3.28 0.23
CA PRO A 80 -0.77 -4.50 0.08
C PRO A 80 0.68 -4.12 -0.22
N GLY A 82 4.30 -4.66 -2.15
CA GLY A 82 4.67 -5.10 -3.49
C GLY A 82 5.15 -6.54 -3.48
N CYS A 83 5.75 -6.98 -2.37
CA CYS A 83 6.25 -8.34 -2.25
C CYS A 83 5.13 -9.36 -2.06
N ARG A 84 3.91 -8.86 -1.85
CA ARG A 84 2.74 -9.71 -1.65
C ARG A 84 2.82 -10.68 -0.47
N THR A 85 3.57 -10.29 0.57
CA THR A 85 3.66 -11.15 1.75
C THR A 85 2.89 -10.55 2.92
N GLY A 86 2.21 -9.44 2.68
CA GLY A 86 1.43 -8.79 3.73
C GLY A 86 0.88 -7.44 3.31
N PHE A 87 0.50 -6.64 4.31
CA PHE A 87 -0.06 -5.30 4.11
C PHE A 87 0.58 -4.34 5.10
N TYR A 88 0.59 -3.07 4.72
CA TYR A 88 1.08 -2.03 5.59
C TYR A 88 -0.20 -1.30 6.01
N SER A 90 -1.38 2.20 8.03
CA SER A 90 -0.94 3.41 8.72
C SER A 90 -2.15 4.03 9.41
N LEU A 91 -1.96 4.58 10.60
CA LEU A 91 -3.07 5.17 11.33
C LEU A 91 -2.68 6.24 12.33
N ILE A 92 -3.68 7.03 12.71
CA ILE A 92 -3.49 8.09 13.70
C ILE A 92 -3.84 7.38 15.01
N GLY A 93 -2.91 7.36 15.94
CA GLY A 93 -3.19 6.69 17.19
C GLY A 93 -2.01 5.83 17.57
N THR A 94 -2.13 5.18 18.73
CA THR A 94 -1.03 4.38 19.23
C THR A 94 -1.40 3.00 19.80
N PRO A 95 -2.19 2.20 19.06
CA PRO A 95 -2.57 0.87 19.57
C PRO A 95 -1.36 -0.06 19.54
N ASN A 96 -1.37 -1.09 20.38
CA ASN A 96 -0.23 -1.99 20.40
C ASN A 96 -0.48 -3.19 19.51
N GLU A 97 0.52 -4.05 19.41
CA GLU A 97 0.40 -5.23 18.56
C GLU A 97 -0.76 -6.15 18.90
N GLN A 98 -1.05 -6.31 20.19
CA GLN A 98 -2.16 -7.19 20.57
C GLN A 98 -3.49 -6.68 20.04
N LYS A 99 -3.78 -5.41 20.23
CA LYS A 99 -5.03 -4.85 19.76
C LYS A 99 -5.18 -4.99 18.23
N VAL A 100 -4.09 -4.74 17.52
CA VAL A 100 -4.13 -4.85 16.07
C VAL A 100 -4.31 -6.31 15.64
N SER A 101 -3.62 -7.23 16.31
CA SER A 101 -3.74 -8.65 15.96
C SER A 101 -5.14 -9.19 16.23
N GLU A 102 -5.80 -8.71 17.27
CA GLU A 102 -7.15 -9.16 17.57
C GLU A 102 -8.12 -8.66 16.51
N ALA A 103 -7.94 -7.40 16.07
CA ALA A 103 -8.81 -6.83 15.04
C ALA A 103 -8.57 -7.58 13.71
N TRP A 104 -7.31 -7.95 13.48
CA TRP A 104 -6.92 -8.68 12.28
C TRP A 104 -7.60 -10.05 12.31
N LEU A 105 -7.42 -10.79 13.39
CA LEU A 105 -8.02 -12.11 13.52
C LEU A 105 -9.52 -12.06 13.28
N ALA A 106 -10.18 -11.05 13.86
CA ALA A 106 -11.62 -10.90 13.67
C ALA A 106 -11.93 -10.60 12.20
N SER A 107 -11.07 -9.82 11.56
CA SER A 107 -11.29 -9.49 10.16
C SER A 107 -11.19 -10.74 9.26
N GLN A 109 -12.21 -13.78 10.10
CA GLN A 109 -13.50 -14.46 10.24
C GLN A 109 -14.51 -13.75 9.34
N ASP A 110 -14.41 -12.42 9.31
CA ASP A 110 -15.30 -11.62 8.49
C ASP A 110 -15.13 -11.97 7.02
N VAL A 111 -13.88 -12.19 6.61
CA VAL A 111 -13.62 -12.53 5.22
C VAL A 111 -14.32 -13.85 4.89
N LEU A 112 -14.22 -14.80 5.81
CA LEU A 112 -14.86 -16.10 5.61
C LEU A 112 -16.38 -15.96 5.54
N GLY A 113 -16.90 -14.87 6.10
CA GLY A 113 -18.34 -14.63 6.10
C GLY A 113 -18.86 -14.11 4.78
N VAL A 114 -17.95 -13.69 3.90
CA VAL A 114 -18.30 -13.20 2.57
C VAL A 114 -18.37 -14.47 1.74
N GLN A 115 -19.58 -14.95 1.49
CA GLN A 115 -19.78 -16.20 0.76
C GLN A 115 -19.54 -16.25 -0.75
N ASP A 116 -20.15 -15.36 -1.52
CA ASP A 116 -19.92 -15.39 -2.96
C ASP A 116 -19.34 -14.08 -3.48
N GLN A 117 -18.46 -14.17 -4.46
CA GLN A 117 -17.81 -13.00 -5.04
C GLN A 117 -18.81 -12.04 -5.66
N ALA A 118 -19.90 -12.59 -6.19
CA ALA A 118 -20.93 -11.78 -6.82
C ALA A 118 -21.63 -10.93 -5.76
N SER A 119 -21.41 -11.30 -4.50
CA SER A 119 -22.01 -10.59 -3.37
C SER A 119 -21.26 -9.31 -3.04
N ILE A 120 -20.04 -9.19 -3.56
CA ILE A 120 -19.23 -8.01 -3.32
C ILE A 120 -19.66 -6.95 -4.33
N PRO A 121 -20.35 -5.89 -3.86
CA PRO A 121 -20.89 -4.76 -4.63
C PRO A 121 -19.96 -3.98 -5.55
N GLU A 122 -18.86 -3.48 -4.99
CA GLU A 122 -17.93 -2.63 -5.73
C GLU A 122 -17.11 -3.26 -6.85
N LEU A 123 -17.26 -4.55 -7.10
CA LEU A 123 -16.46 -5.16 -8.17
C LEU A 123 -16.99 -4.86 -9.57
N ASN A 124 -16.87 -3.61 -9.97
CA ASN A 124 -17.34 -3.18 -11.29
C ASN A 124 -16.43 -2.08 -11.82
N ILE A 125 -16.60 -1.73 -13.10
CA ILE A 125 -15.75 -0.71 -13.73
C ILE A 125 -15.88 0.69 -13.14
N TYR A 126 -16.94 0.93 -12.37
CA TYR A 126 -17.14 2.26 -11.79
C TYR A 126 -16.46 2.44 -10.44
N GLN A 127 -16.45 1.36 -9.65
CA GLN A 127 -15.89 1.42 -8.30
C GLN A 127 -14.57 0.70 -8.05
N CYS A 128 -14.02 0.06 -9.07
CA CYS A 128 -12.77 -0.69 -8.92
C CYS A 128 -11.87 -0.51 -10.15
N GLY A 129 -10.56 -0.38 -9.92
CA GLY A 129 -9.62 -0.19 -11.01
C GLY A 129 -9.28 -1.35 -11.92
N SER A 130 -9.53 -2.58 -11.45
CA SER A 130 -9.26 -3.81 -12.21
C SER A 130 -10.30 -4.80 -11.70
N TYR A 131 -11.56 -4.54 -12.00
CA TYR A 131 -12.64 -5.35 -11.48
C TYR A 131 -12.63 -6.86 -11.73
N THR A 132 -11.87 -7.33 -12.71
CA THR A 132 -11.81 -8.77 -12.96
C THR A 132 -10.61 -9.43 -12.26
N GLU A 133 -9.67 -8.63 -11.79
CA GLU A 133 -8.48 -9.18 -11.12
C GLU A 133 -8.84 -9.55 -9.66
N HIS A 134 -9.78 -10.47 -9.50
CA HIS A 134 -10.21 -10.89 -8.17
C HIS A 134 -10.34 -12.37 -7.98
N SER A 135 -10.20 -12.80 -6.73
CA SER A 135 -10.34 -14.21 -6.38
C SER A 135 -10.76 -14.37 -4.92
N LEU A 136 -12.06 -14.48 -4.69
CA LEU A 136 -12.59 -14.63 -3.33
C LEU A 136 -12.08 -15.98 -2.78
N GLU A 137 -11.85 -16.92 -3.69
CA GLU A 137 -11.34 -18.22 -3.33
C GLU A 137 -9.97 -18.09 -2.66
N ASP A 138 -9.04 -17.37 -3.28
CA ASP A 138 -7.72 -17.20 -2.69
C ASP A 138 -7.79 -16.47 -1.33
N ALA A 139 -8.65 -15.45 -1.27
CA ALA A 139 -8.82 -14.67 -0.03
C ALA A 139 -9.35 -15.57 1.10
N HIS A 140 -10.31 -16.44 0.78
CA HIS A 140 -10.83 -17.36 1.79
C HIS A 140 -9.70 -18.28 2.24
N GLU A 141 -8.91 -18.77 1.28
CA GLU A 141 -7.81 -19.64 1.62
C GLU A 141 -6.84 -18.91 2.55
N ILE A 142 -6.51 -17.66 2.21
CA ILE A 142 -5.59 -16.90 3.03
C ILE A 142 -6.14 -16.72 4.46
N ALA A 143 -7.41 -16.36 4.55
CA ALA A 143 -8.06 -16.16 5.85
C ALA A 143 -8.01 -17.41 6.74
N LYS A 144 -8.38 -18.56 6.17
CA LYS A 144 -8.37 -19.82 6.91
C LYS A 144 -6.96 -20.12 7.40
N ASN A 145 -5.99 -19.89 6.52
CA ASN A 145 -4.61 -20.14 6.87
C ASN A 145 -4.18 -19.30 8.06
N VAL A 146 -4.51 -18.01 8.05
CA VAL A 146 -4.14 -17.11 9.15
C VAL A 146 -4.80 -17.56 10.45
N ILE A 147 -6.09 -17.86 10.39
CA ILE A 147 -6.82 -18.31 11.55
C ILE A 147 -6.17 -19.60 12.10
N ALA A 148 -5.86 -20.52 11.20
CA ALA A 148 -5.26 -21.78 11.59
C ALA A 148 -3.88 -21.61 12.22
N ARG A 149 -3.08 -20.68 11.70
CA ARG A 149 -1.74 -20.49 12.23
C ARG A 149 -1.67 -19.56 13.43
N GLY A 150 -2.63 -18.64 13.55
CA GLY A 150 -2.61 -17.71 14.66
C GLY A 150 -1.66 -16.56 14.37
N ILE A 151 -1.91 -15.40 14.97
CA ILE A 151 -1.12 -14.18 14.77
C ILE A 151 -0.08 -13.95 15.85
N GLY A 152 1.20 -13.94 15.45
CA GLY A 152 2.25 -13.69 16.40
C GLY A 152 2.66 -12.23 16.39
N VAL A 153 3.88 -11.95 16.85
CA VAL A 153 4.38 -10.59 16.90
C VAL A 153 5.87 -10.56 16.57
N ASN A 154 6.27 -9.56 15.79
CA ASN A 154 7.68 -9.40 15.44
C ASN A 154 8.06 -8.03 16.02
N LYS A 155 9.21 -7.97 16.67
CA LYS A 155 9.67 -6.73 17.25
C LYS A 155 10.98 -6.35 16.58
N ASN A 156 11.07 -5.07 16.19
CA ASN A 156 12.24 -4.55 15.52
C ASN A 156 13.56 -4.90 16.21
N GLU A 157 13.53 -5.00 17.54
CA GLU A 157 14.75 -5.33 18.31
C GLU A 157 15.30 -6.70 17.95
N ASP A 158 14.42 -7.67 17.70
CA ASP A 158 14.86 -9.02 17.38
C ASP A 158 15.11 -9.24 15.88
N LEU A 159 15.02 -8.19 15.10
CA LEU A 159 15.21 -8.31 13.66
C LEU A 159 16.41 -7.52 13.17
N SER A 160 17.30 -7.15 14.09
CA SER A 160 18.49 -6.39 13.73
C SER A 160 19.24 -7.09 12.60
N LEU A 161 19.79 -6.28 11.70
CA LEU A 161 20.51 -6.79 10.55
C LEU A 161 21.98 -6.35 10.58
N ASP A 162 22.91 -7.28 10.38
CA ASP A 162 24.31 -6.94 10.36
C ASP A 162 24.66 -6.27 9.04
N ASN A 163 25.93 -6.35 8.64
CA ASN A 163 26.34 -5.76 7.38
C ASN A 163 26.93 -6.81 6.46
N LEU B 3 -18.65 1.47 1.40
CA LEU B 3 -18.25 2.30 2.57
C LEU B 3 -16.92 2.99 2.29
N LEU B 4 -15.92 2.22 1.87
CA LEU B 4 -14.59 2.76 1.56
C LEU B 4 -14.64 3.93 0.56
N ASP B 5 -13.83 4.95 0.83
CA ASP B 5 -13.77 6.14 -0.01
C ASP B 5 -13.51 5.92 -1.50
N SER B 6 -12.65 4.96 -1.83
CA SER B 6 -12.34 4.69 -3.22
C SER B 6 -13.55 4.14 -3.99
N PHE B 7 -14.56 3.69 -3.26
CA PHE B 7 -15.77 3.15 -3.90
C PHE B 7 -16.75 4.28 -4.27
N LYS B 8 -16.49 5.49 -3.79
CA LYS B 8 -17.36 6.62 -4.05
C LYS B 8 -16.93 7.46 -5.25
N VAL B 9 -15.86 7.06 -5.91
CA VAL B 9 -15.38 7.81 -7.06
C VAL B 9 -15.54 6.99 -8.35
N ASP B 10 -16.01 7.65 -9.40
CA ASP B 10 -16.23 7.00 -10.69
C ASP B 10 -14.94 6.75 -11.45
N HIS B 11 -14.51 5.50 -11.47
CA HIS B 11 -13.27 5.12 -12.14
C HIS B 11 -13.27 5.30 -13.67
N THR B 12 -14.44 5.32 -14.29
CA THR B 12 -14.50 5.48 -15.74
C THR B 12 -14.21 6.92 -16.17
N LYS B 13 -14.22 7.84 -15.20
CA LYS B 13 -13.96 9.25 -15.48
C LYS B 13 -12.55 9.70 -15.08
N ASN B 15 -8.47 10.23 -15.35
CA ASN B 15 -7.40 10.41 -16.33
C ASN B 15 -6.20 9.71 -15.69
N ALA B 16 -5.23 9.34 -16.51
CA ALA B 16 -4.03 8.66 -16.02
C ALA B 16 -3.00 8.79 -17.12
N PRO B 17 -1.73 9.00 -16.75
CA PRO B 17 -1.20 9.11 -15.38
C PRO B 17 -1.77 10.38 -14.73
N ALA B 18 -2.10 10.31 -13.45
CA ALA B 18 -2.65 11.50 -12.78
C ALA B 18 -2.62 11.43 -11.27
N VAL B 19 -2.61 12.60 -10.64
CA VAL B 19 -2.60 12.71 -9.18
C VAL B 19 -3.97 13.12 -8.69
N ARG B 20 -4.45 12.48 -7.62
CA ARG B 20 -5.74 12.83 -7.04
C ARG B 20 -5.63 12.84 -5.52
N ILE B 21 -6.14 13.89 -4.89
CA ILE B 21 -6.11 13.93 -3.43
C ILE B 21 -7.27 13.04 -3.01
N ALA B 22 -6.96 11.88 -2.46
CA ALA B 22 -7.99 10.93 -2.04
C ALA B 22 -8.74 11.42 -0.82
N LYS B 23 -8.01 11.95 0.16
CA LYS B 23 -8.65 12.48 1.36
C LYS B 23 -7.66 13.24 2.20
N THR B 24 -8.21 14.08 3.07
CA THR B 24 -7.44 14.90 4.00
C THR B 24 -8.02 14.60 5.37
N LEU B 26 -7.51 15.37 9.84
CA LEU B 26 -6.92 16.20 10.86
C LEU B 26 -6.63 15.36 12.10
N THR B 27 -5.43 15.50 12.65
CA THR B 27 -5.10 14.75 13.84
C THR B 27 -5.82 15.44 15.01
N PRO B 28 -5.89 14.79 16.17
CA PRO B 28 -6.57 15.41 17.32
C PRO B 28 -6.14 16.86 17.58
N LYS B 29 -4.83 17.12 17.57
CA LYS B 29 -4.32 18.46 17.82
C LYS B 29 -4.48 19.45 16.68
N GLY B 30 -4.90 18.98 15.51
CA GLY B 30 -5.07 19.90 14.39
C GLY B 30 -4.04 19.83 13.27
N ASP B 31 -3.20 18.79 13.26
CA ASP B 31 -2.22 18.64 12.19
C ASP B 31 -2.87 17.96 10.98
N ASN B 32 -2.33 18.19 9.79
CA ASN B 32 -2.90 17.66 8.56
C ASN B 32 -2.26 16.41 7.97
N ILE B 33 -3.10 15.45 7.58
CA ILE B 33 -2.63 14.24 6.94
C ILE B 33 -3.35 14.19 5.60
N THR B 34 -2.60 13.93 4.53
CA THR B 34 -3.19 13.85 3.20
C THR B 34 -2.86 12.51 2.55
N VAL B 35 -3.83 11.94 1.85
CA VAL B 35 -3.62 10.67 1.15
C VAL B 35 -3.79 10.94 -0.34
N PHE B 36 -2.78 10.56 -1.12
CA PHE B 36 -2.79 10.77 -2.57
C PHE B 36 -2.96 9.47 -3.35
N ASP B 37 -3.77 9.53 -4.40
CA ASP B 37 -4.03 8.44 -5.32
C ASP B 37 -3.12 8.79 -6.50
N LEU B 38 -2.03 8.03 -6.67
CA LEU B 38 -1.10 8.27 -7.77
C LEU B 38 -1.47 7.22 -8.83
N ARG B 39 -2.39 7.62 -9.71
CA ARG B 39 -2.90 6.73 -10.76
C ARG B 39 -2.01 6.63 -11.99
N PHE B 40 -1.34 5.48 -12.15
CA PHE B 40 -0.46 5.28 -13.28
C PHE B 40 -1.22 4.84 -14.53
N CYS B 41 -2.18 3.94 -14.36
CA CYS B 41 -2.96 3.37 -15.47
C CYS B 41 -4.42 3.78 -15.52
N ILE B 42 -4.97 3.74 -16.73
CA ILE B 42 -6.38 4.03 -16.95
C ILE B 42 -7.10 2.80 -16.38
N PRO B 43 -7.94 3.00 -15.36
CA PRO B 43 -8.64 1.86 -14.77
C PRO B 43 -9.34 0.96 -15.79
N ASN B 44 -9.12 -0.35 -15.63
CA ASN B 44 -9.73 -1.36 -16.48
C ASN B 44 -9.36 -1.33 -17.96
N LYS B 45 -8.30 -0.60 -18.30
CA LYS B 45 -7.82 -0.52 -19.69
C LYS B 45 -6.34 -0.87 -19.71
N GLU B 46 -5.66 -0.57 -18.60
CA GLU B 46 -4.23 -0.81 -18.45
C GLU B 46 -4.00 -1.33 -17.04
N ILE B 47 -2.92 -2.08 -16.84
CA ILE B 47 -2.60 -2.63 -15.51
C ILE B 47 -1.10 -2.88 -15.46
N LEU B 48 -0.50 -2.69 -14.29
CA LEU B 48 0.93 -2.90 -14.09
C LEU B 48 1.22 -4.36 -13.76
N SER B 49 2.36 -4.89 -14.17
CA SER B 49 2.67 -6.28 -13.87
C SER B 49 3.04 -6.41 -12.37
N PRO B 50 2.79 -7.58 -11.77
CA PRO B 50 3.11 -7.79 -10.35
C PRO B 50 4.59 -7.57 -10.04
N LYS B 51 5.48 -8.04 -10.91
CA LYS B 51 6.91 -7.87 -10.68
C LYS B 51 7.34 -6.42 -10.92
N GLY B 52 6.77 -5.81 -11.96
CA GLY B 52 7.11 -4.44 -12.25
C GLY B 52 6.67 -3.49 -11.15
N ILE B 53 5.45 -3.68 -10.65
CA ILE B 53 4.98 -2.78 -9.62
C ILE B 53 5.77 -2.99 -8.33
N HIS B 54 6.31 -4.19 -8.13
CA HIS B 54 7.09 -4.45 -6.94
C HIS B 54 8.46 -3.73 -7.05
N THR B 55 9.06 -3.81 -8.22
CA THR B 55 10.36 -3.16 -8.40
C THR B 55 10.19 -1.66 -8.33
N LEU B 56 9.13 -1.16 -8.97
CA LEU B 56 8.84 0.26 -8.98
C LEU B 56 8.57 0.76 -7.55
N GLU B 57 7.91 -0.07 -6.74
CA GLU B 57 7.61 0.31 -5.36
C GLU B 57 8.89 0.58 -4.57
N HIS B 58 9.89 -0.28 -4.71
CA HIS B 58 11.14 -0.06 -4.03
C HIS B 58 11.78 1.26 -4.42
N LEU B 59 11.88 1.48 -5.73
CA LEU B 59 12.53 2.69 -6.24
C LEU B 59 11.74 3.96 -5.94
N PHE B 60 10.45 3.90 -6.23
CA PHE B 60 9.49 5.00 -6.06
C PHE B 60 9.34 5.47 -4.61
N ALA B 61 9.25 4.54 -3.67
CA ALA B 61 9.11 4.92 -2.26
C ALA B 61 10.36 5.66 -1.81
N GLY B 62 11.50 5.35 -2.42
CA GLY B 62 12.74 6.02 -2.06
C GLY B 62 12.87 7.38 -2.77
N PHE B 63 12.67 7.40 -4.08
CA PHE B 63 12.78 8.65 -4.81
C PHE B 63 11.75 9.72 -4.44
N ARG B 65 10.47 10.21 -1.61
CA ARG B 65 10.89 10.78 -0.34
C ARG B 65 12.02 11.77 -0.60
N ASP B 66 12.90 11.45 -1.56
CA ASP B 66 14.01 12.34 -1.89
C ASP B 66 13.51 13.67 -2.42
N HIS B 67 12.50 13.62 -3.28
CA HIS B 67 11.98 14.85 -3.87
C HIS B 67 10.90 15.56 -3.07
N LEU B 68 10.29 14.87 -2.12
CA LEU B 68 9.18 15.45 -1.37
C LEU B 68 9.37 15.75 0.12
N ASN B 69 10.13 14.94 0.84
CA ASN B 69 10.30 15.21 2.26
C ASN B 69 10.99 16.55 2.53
N GLY B 70 10.49 17.31 3.49
CA GLY B 70 11.06 18.60 3.80
C GLY B 70 10.50 19.12 5.12
N ASP B 71 10.75 20.41 5.40
CA ASP B 71 10.28 21.04 6.63
C ASP B 71 8.78 20.91 6.87
N SER B 72 8.00 20.92 5.80
CA SER B 72 6.55 20.83 5.94
C SER B 72 5.93 19.54 5.42
N ILE B 73 6.76 18.59 5.02
CA ILE B 73 6.25 17.33 4.51
C ILE B 73 7.02 16.13 5.00
N GLU B 74 6.29 15.12 5.48
CA GLU B 74 6.92 13.89 5.93
C GLU B 74 6.05 12.73 5.44
N ILE B 75 6.56 12.01 4.45
CA ILE B 75 5.84 10.87 3.91
C ILE B 75 5.71 9.78 4.95
N ILE B 76 4.49 9.28 5.11
CA ILE B 76 4.17 8.21 6.05
C ILE B 76 4.37 6.84 5.39
N ASP B 77 3.73 6.64 4.23
CA ASP B 77 3.81 5.37 3.50
C ASP B 77 3.46 5.54 2.02
N ILE B 78 4.08 4.71 1.18
CA ILE B 78 3.83 4.71 -0.26
C ILE B 78 3.71 3.22 -0.57
N SER B 79 2.53 2.82 -1.01
CA SER B 79 2.26 1.41 -1.33
C SER B 79 1.48 1.22 -2.61
N PRO B 80 1.66 0.07 -3.27
CA PRO B 80 0.96 -0.25 -4.51
C PRO B 80 -0.51 -0.58 -4.20
N GLY B 82 -4.03 -2.75 -4.83
CA GLY B 82 -4.29 -4.13 -5.19
C GLY B 82 -4.67 -4.31 -6.64
N CYS B 83 -5.33 -3.30 -7.21
CA CYS B 83 -5.72 -3.33 -8.63
C CYS B 83 -4.52 -3.11 -9.56
N ARG B 84 -3.37 -2.80 -8.98
CA ARG B 84 -2.14 -2.56 -9.74
C ARG B 84 -2.25 -1.47 -10.83
N THR B 85 -3.02 -0.42 -10.58
CA THR B 85 -3.10 0.68 -11.56
C THR B 85 -2.47 1.94 -11.00
N GLY B 86 -1.86 1.81 -9.81
CA GLY B 86 -1.23 2.96 -9.18
C GLY B 86 -0.76 2.72 -7.74
N PHE B 87 -0.47 3.82 -7.04
CA PHE B 87 0.00 3.79 -5.65
C PHE B 87 -0.75 4.78 -4.77
N TYR B 88 -0.85 4.45 -3.50
CA TYR B 88 -1.42 5.36 -2.53
C TYR B 88 -0.22 5.92 -1.76
N SER B 90 0.52 8.38 1.60
CA SER B 90 -0.06 9.11 2.70
C SER B 90 1.09 9.91 3.31
N LEU B 91 0.81 11.13 3.78
CA LEU B 91 1.88 11.94 4.34
C LEU B 91 1.36 12.99 5.31
N ILE B 92 2.28 13.52 6.12
CA ILE B 92 1.96 14.57 7.08
C ILE B 92 2.25 15.83 6.28
N GLY B 93 1.26 16.70 6.15
CA GLY B 93 1.47 17.91 5.39
C GLY B 93 0.32 18.15 4.42
N THR B 94 0.43 19.20 3.63
CA THR B 94 -0.63 19.55 2.71
C THR B 94 -0.19 20.03 1.33
N PRO B 95 0.74 19.30 0.68
CA PRO B 95 1.20 19.72 -0.64
C PRO B 95 0.04 19.53 -1.63
N ASN B 96 0.01 20.32 -2.69
CA ASN B 96 -1.07 20.18 -3.67
C ASN B 96 -0.70 19.20 -4.78
N GLU B 97 -1.63 18.96 -5.69
CA GLU B 97 -1.38 18.03 -6.78
C GLU B 97 -0.16 18.36 -7.62
N GLN B 98 0.02 19.65 -7.90
CA GLN B 98 1.17 20.04 -8.70
C GLN B 98 2.48 19.65 -8.04
N LYS B 99 2.64 19.99 -6.77
CA LYS B 99 3.89 19.66 -6.09
C LYS B 99 4.14 18.14 -6.12
N VAL B 100 3.09 17.36 -5.93
CA VAL B 100 3.21 15.90 -5.94
C VAL B 100 3.56 15.39 -7.35
N SER B 101 2.89 15.94 -8.36
CA SER B 101 3.13 15.50 -9.73
C SER B 101 4.54 15.83 -10.22
N GLU B 102 5.11 16.93 -9.76
CA GLU B 102 6.46 17.25 -10.20
C GLU B 102 7.49 16.35 -9.53
N ALA B 103 7.21 15.92 -8.29
CA ALA B 103 8.13 15.03 -7.59
C ALA B 103 8.03 13.64 -8.24
N TRP B 104 6.83 13.29 -8.65
CA TRP B 104 6.58 12.01 -9.31
C TRP B 104 7.36 11.99 -10.62
N LEU B 105 7.20 13.03 -11.43
CA LEU B 105 7.91 13.10 -12.72
C LEU B 105 9.42 12.97 -12.57
N ALA B 106 10.00 13.67 -11.59
CA ALA B 106 11.44 13.57 -11.38
C ALA B 106 11.81 12.16 -10.91
N SER B 107 10.90 11.53 -10.17
CA SER B 107 11.13 10.17 -9.68
C SER B 107 11.15 9.15 -10.84
N GLN B 109 12.31 9.83 -13.82
CA GLN B 109 13.60 10.02 -14.47
C GLN B 109 14.64 9.25 -13.67
N ASP B 110 14.51 9.32 -12.34
CA ASP B 110 15.39 8.61 -11.42
C ASP B 110 15.34 7.11 -11.66
N VAL B 111 14.13 6.61 -11.86
CA VAL B 111 13.95 5.17 -12.10
C VAL B 111 14.72 4.78 -13.34
N LEU B 112 14.61 5.61 -14.37
CA LEU B 112 15.32 5.38 -15.62
C LEU B 112 16.84 5.41 -15.40
N GLY B 113 17.29 6.16 -14.39
CA GLY B 113 18.72 6.24 -14.11
C GLY B 113 19.27 4.96 -13.48
N VAL B 114 18.38 4.11 -12.98
CA VAL B 114 18.78 2.84 -12.38
C VAL B 114 18.95 1.89 -13.56
N GLN B 115 20.19 1.70 -13.99
CA GLN B 115 20.50 0.89 -15.16
C GLN B 115 20.45 -0.64 -15.09
N ASP B 116 20.80 -1.23 -13.97
CA ASP B 116 20.71 -2.69 -13.90
C ASP B 116 20.16 -3.14 -12.56
N GLN B 117 19.39 -4.23 -12.61
CA GLN B 117 18.78 -4.78 -11.42
C GLN B 117 19.81 -5.17 -10.37
N ALA B 118 20.96 -5.65 -10.83
CA ALA B 118 22.03 -6.05 -9.92
C ALA B 118 22.52 -4.85 -9.11
N SER B 119 22.19 -3.66 -9.60
CA SER B 119 22.58 -2.42 -8.93
C SER B 119 21.68 -2.12 -7.72
N ILE B 120 20.56 -2.83 -7.61
CA ILE B 120 19.63 -2.61 -6.50
C ILE B 120 20.05 -3.56 -5.38
N PRO B 121 20.71 -3.00 -4.35
CA PRO B 121 21.24 -3.70 -3.16
C PRO B 121 20.32 -4.60 -2.36
N GLU B 122 19.13 -4.09 -2.03
CA GLU B 122 18.20 -4.83 -1.19
C GLU B 122 17.43 -6.00 -1.78
N LEU B 123 17.78 -6.45 -2.99
CA LEU B 123 17.08 -7.59 -3.57
C LEU B 123 17.69 -8.91 -3.13
N ASN B 124 17.54 -9.23 -1.85
CA ASN B 124 18.07 -10.46 -1.27
C ASN B 124 17.11 -10.95 -0.20
N ILE B 125 17.30 -12.18 0.29
CA ILE B 125 16.40 -12.73 1.30
C ILE B 125 16.39 -11.98 2.62
N TYR B 126 17.42 -11.21 2.90
CA TYR B 126 17.49 -10.48 4.17
C TYR B 126 16.70 -9.18 4.19
N GLN B 127 16.72 -8.45 3.08
CA GLN B 127 16.05 -7.15 3.03
C GLN B 127 14.75 -7.03 2.23
N CYS B 128 14.31 -8.10 1.59
CA CYS B 128 13.08 -8.08 0.78
C CYS B 128 12.25 -9.33 1.07
N GLY B 129 10.93 -9.18 1.05
CA GLY B 129 10.02 -10.29 1.33
C GLY B 129 9.86 -11.34 0.24
N SER B 130 10.09 -10.94 -1.01
CA SER B 130 9.98 -11.84 -2.17
C SER B 130 11.03 -11.32 -3.15
N TYR B 131 12.30 -11.53 -2.81
CA TYR B 131 13.40 -11.01 -3.59
C TYR B 131 13.52 -11.37 -5.07
N THR B 132 12.90 -12.46 -5.53
CA THR B 132 12.98 -12.80 -6.94
C THR B 132 11.80 -12.22 -7.73
N GLU B 133 10.82 -11.65 -7.02
CA GLU B 133 9.62 -11.10 -7.64
C GLU B 133 9.87 -9.68 -8.15
N HIS B 134 10.83 -9.54 -9.07
CA HIS B 134 11.22 -8.23 -9.59
C HIS B 134 11.45 -8.12 -11.10
N SER B 135 11.28 -6.92 -11.62
CA SER B 135 11.53 -6.67 -13.04
C SER B 135 11.85 -5.20 -13.32
N LEU B 136 13.14 -4.88 -13.38
CA LEU B 136 13.57 -3.53 -13.64
C LEU B 136 13.10 -3.11 -15.04
N GLU B 137 13.05 -4.07 -15.95
CA GLU B 137 12.60 -3.76 -17.30
C GLU B 137 11.16 -3.26 -17.34
N ASP B 138 10.27 -3.89 -16.57
CA ASP B 138 8.89 -3.44 -16.54
C ASP B 138 8.84 -2.06 -15.90
N ALA B 139 9.61 -1.89 -14.83
CA ALA B 139 9.64 -0.60 -14.15
C ALA B 139 10.12 0.51 -15.09
N HIS B 140 11.16 0.22 -15.89
CA HIS B 140 11.66 1.20 -16.84
C HIS B 140 10.56 1.55 -17.84
N GLU B 141 9.87 0.52 -18.32
CA GLU B 141 8.80 0.72 -19.28
C GLU B 141 7.68 1.57 -18.69
N ILE B 142 7.34 1.35 -17.43
CA ILE B 142 6.29 2.13 -16.81
C ILE B 142 6.73 3.60 -16.71
N ALA B 143 7.97 3.82 -16.25
CA ALA B 143 8.49 5.18 -16.11
C ALA B 143 8.48 5.95 -17.44
N LYS B 144 8.98 5.31 -18.50
CA LYS B 144 9.03 5.96 -19.81
C LYS B 144 7.63 6.31 -20.27
N ASN B 145 6.68 5.43 -19.99
CA ASN B 145 5.31 5.68 -20.38
C ASN B 145 4.71 6.86 -19.63
N VAL B 146 5.01 6.99 -18.33
CA VAL B 146 4.50 8.11 -17.55
C VAL B 146 5.13 9.41 -18.05
N ILE B 147 6.42 9.37 -18.35
CA ILE B 147 7.12 10.55 -18.83
C ILE B 147 6.55 10.98 -20.19
N ALA B 148 6.29 10.02 -21.05
CA ALA B 148 5.76 10.31 -22.37
C ALA B 148 4.32 10.81 -22.33
N ARG B 149 3.51 10.26 -21.44
CA ARG B 149 2.11 10.68 -21.38
C ARG B 149 1.87 11.94 -20.57
N GLY B 150 2.79 12.25 -19.64
CA GLY B 150 2.60 13.42 -18.82
C GLY B 150 1.68 13.07 -17.66
N ILE B 151 1.73 13.86 -16.60
CA ILE B 151 0.91 13.58 -15.42
C ILE B 151 -0.16 14.65 -15.26
N GLY B 152 -1.41 14.22 -15.24
CA GLY B 152 -2.53 15.13 -15.08
C GLY B 152 -3.06 15.17 -13.65
N VAL B 153 -4.32 15.55 -13.53
CA VAL B 153 -4.95 15.66 -12.22
C VAL B 153 -6.41 15.24 -12.28
N ASN B 154 -6.87 14.59 -11.22
CA ASN B 154 -8.26 14.18 -11.11
C ASN B 154 -8.76 14.82 -9.82
N LYS B 155 -9.94 15.43 -9.87
CA LYS B 155 -10.51 16.04 -8.67
C LYS B 155 -11.77 15.27 -8.30
N ASN B 156 -11.92 14.99 -7.01
CA ASN B 156 -13.08 14.26 -6.53
C ASN B 156 -14.42 14.86 -7.01
N GLU B 157 -14.47 16.19 -7.11
CA GLU B 157 -15.70 16.87 -7.54
C GLU B 157 -16.16 16.40 -8.91
N ASP B 158 -15.20 16.13 -9.81
CA ASP B 158 -15.53 15.70 -11.15
C ASP B 158 -15.67 14.19 -11.30
N LEU B 159 -15.60 13.45 -10.20
CA LEU B 159 -15.68 12.01 -10.29
C LEU B 159 -16.85 11.41 -9.53
N SER B 160 -17.89 12.21 -9.31
CA SER B 160 -19.08 11.74 -8.59
C SER B 160 -19.78 10.59 -9.30
N LEU B 161 -20.29 9.65 -8.51
CA LEU B 161 -21.01 8.50 -9.01
C LEU B 161 -22.48 8.64 -8.64
N ASP B 162 -23.38 8.26 -9.55
CA ASP B 162 -24.81 8.33 -9.29
C ASP B 162 -25.33 6.95 -8.91
#